data_5CRA
#
_entry.id   5CRA
#
_cell.length_a   64.192
_cell.length_b   64.192
_cell.length_c   120.717
_cell.angle_alpha   90.00
_cell.angle_beta   90.00
_cell.angle_gamma   120.00
#
_symmetry.space_group_name_H-M   'P 32'
#
loop_
_entity.id
_entity.type
_entity.pdbx_description
1 polymer SdeA
2 polymer Polyubiquitin-B
3 non-polymer 'SULFATE ION'
4 non-polymer 'METHYL 4-AMINOBUTANOATE'
5 water water
#
loop_
_entity_poly.entity_id
_entity_poly.type
_entity_poly.pdbx_seq_one_letter_code
_entity_poly.pdbx_strand_id
1 'polypeptide(L)'
;MPKYVEGVELTQEGMHAIFARMGYGDITSGSIYNGVPTIDTGALNRQGFMPVLTGVGPHRDSGHWIMLIKGPGNQYYLFD
PLGKTSGEGYQNILAAQLPMGSTLSVIPNGSGLNMGLCGYWVASAGLRAHQALNQHNPPTLLNVGQTITNEMRNELDHDG
YRKITGWLRAVADEFPEGDPQLDGKALRENTEK
;
A,B
2 'polypeptide(L)' MQIFVKTLTGKTITLEVEPSDTIENVKAKIQDKEGIPPDQQRLIFAGKQLEDGRTLSDYNIQKESTLHLVLRLRG D,C
#
# COMPACT_ATOMS: atom_id res chain seq x y z
N PRO A 2 5.00 -19.42 -9.08
CA PRO A 2 4.84 -18.25 -10.01
C PRO A 2 5.70 -17.07 -9.53
N LYS A 3 6.22 -16.28 -10.46
CA LYS A 3 7.16 -15.21 -10.11
C LYS A 3 7.02 -14.63 -8.66
N TYR A 4 5.80 -14.20 -8.28
CA TYR A 4 5.57 -13.22 -7.17
C TYR A 4 5.22 -13.75 -5.79
N VAL A 5 4.42 -14.82 -5.74
CA VAL A 5 3.93 -15.39 -4.48
C VAL A 5 3.77 -16.89 -4.62
N GLU A 6 4.21 -17.63 -3.61
CA GLU A 6 4.10 -19.09 -3.60
C GLU A 6 3.44 -19.50 -2.30
N GLY A 7 2.23 -20.03 -2.43
CA GLY A 7 1.37 -20.23 -1.28
C GLY A 7 1.00 -18.84 -0.83
N VAL A 8 1.66 -18.38 0.24
CA VAL A 8 1.48 -17.02 0.77
C VAL A 8 2.78 -16.23 0.89
N GLU A 9 3.89 -16.82 0.41
CA GLU A 9 5.22 -16.26 0.66
C GLU A 9 5.58 -15.41 -0.54
N LEU A 10 5.93 -14.14 -0.30
CA LEU A 10 6.46 -13.27 -1.35
C LEU A 10 7.83 -13.74 -1.77
N THR A 11 8.05 -13.72 -3.07
CA THR A 11 9.37 -13.99 -3.63
C THR A 11 10.16 -12.72 -3.71
N GLN A 12 11.44 -12.88 -4.05
CA GLN A 12 12.28 -11.73 -4.35
C GLN A 12 11.64 -10.87 -5.44
N GLU A 13 11.19 -11.49 -6.51
CA GLU A 13 10.48 -10.77 -7.56
C GLU A 13 9.20 -10.08 -7.06
N GLY A 14 8.44 -10.76 -6.23
CA GLY A 14 7.17 -10.22 -5.77
C GLY A 14 7.29 -9.04 -4.83
N MET A 15 8.39 -8.95 -4.10
CA MET A 15 8.55 -7.85 -3.16
C MET A 15 8.84 -6.60 -3.95
N HIS A 16 9.68 -6.67 -4.95
CA HIS A 16 9.78 -5.60 -5.96
C HIS A 16 8.41 -5.17 -6.51
N ALA A 17 7.62 -6.15 -6.92
CA ALA A 17 6.37 -5.86 -7.60
C ALA A 17 5.43 -5.08 -6.73
N ILE A 18 5.21 -5.60 -5.53
CA ILE A 18 4.21 -5.05 -4.66
C ILE A 18 4.57 -3.61 -4.27
N PHE A 19 5.84 -3.29 -4.11
CA PHE A 19 6.26 -1.92 -3.80
C PHE A 19 6.02 -0.96 -4.96
N ALA A 20 6.26 -1.46 -6.18
CA ALA A 20 6.05 -0.69 -7.40
C ALA A 20 4.57 -0.40 -7.57
N ARG A 21 3.73 -1.40 -7.32
CA ARG A 21 2.27 -1.18 -7.38
C ARG A 21 1.77 -0.21 -6.35
N MET A 22 2.39 -0.16 -5.18
CA MET A 22 1.93 0.75 -4.15
C MET A 22 2.51 2.15 -4.36
N GLY A 23 3.31 2.28 -5.41
CA GLY A 23 3.75 3.60 -5.84
C GLY A 23 5.10 4.03 -5.32
N TYR A 24 5.97 3.06 -5.03
CA TYR A 24 7.30 3.41 -4.52
C TYR A 24 8.43 3.33 -5.56
N GLY A 25 8.09 3.32 -6.83
CA GLY A 25 9.11 3.25 -7.86
C GLY A 25 9.85 1.93 -7.73
N ASP A 26 11.13 1.98 -8.08
CA ASP A 26 11.97 0.80 -8.15
C ASP A 26 12.58 0.67 -6.77
N ILE A 27 12.17 -0.34 -6.02
CA ILE A 27 12.78 -0.55 -4.68
C ILE A 27 13.83 -1.66 -4.68
N THR A 28 15.00 -1.36 -4.13
CA THR A 28 16.07 -2.35 -4.01
C THR A 28 15.93 -3.04 -2.67
N SER A 29 16.04 -4.37 -2.66
CA SER A 29 15.95 -5.21 -1.48
C SER A 29 17.35 -5.73 -1.08
N GLY A 30 17.45 -6.40 0.06
CA GLY A 30 18.70 -6.97 0.49
C GLY A 30 18.48 -8.45 0.74
N SER A 31 19.57 -9.14 1.01
CA SER A 31 19.50 -10.54 1.35
C SER A 31 20.57 -10.91 2.37
N ILE A 32 20.36 -12.02 3.06
CA ILE A 32 21.44 -12.70 3.73
C ILE A 32 21.34 -14.12 3.19
N TYR A 33 22.30 -14.47 2.34
CA TYR A 33 22.24 -15.74 1.63
C TYR A 33 23.54 -16.47 1.99
N ASN A 34 23.42 -17.69 2.52
CA ASN A 34 24.58 -18.45 2.98
C ASN A 34 25.35 -17.75 4.13
N GLY A 35 24.62 -17.00 4.97
CA GLY A 35 25.21 -16.23 6.07
C GLY A 35 25.84 -14.91 5.60
N VAL A 36 25.78 -14.61 4.32
CA VAL A 36 26.44 -13.47 3.77
C VAL A 36 25.46 -12.40 3.39
N PRO A 37 25.47 -11.24 4.08
CA PRO A 37 24.57 -10.16 3.63
C PRO A 37 24.99 -9.46 2.36
N THR A 38 23.99 -8.89 1.70
CA THR A 38 24.15 -7.96 0.59
C THR A 38 23.19 -6.82 0.86
N ILE A 39 23.76 -5.68 1.24
CA ILE A 39 23.03 -4.52 1.57
C ILE A 39 23.61 -3.35 0.78
N ASP A 40 22.79 -2.77 -0.11
CA ASP A 40 23.16 -1.59 -0.86
C ASP A 40 22.85 -0.33 -0.03
N THR A 41 23.88 0.16 0.66
CA THR A 41 23.67 1.25 1.64
C THR A 41 23.17 2.51 0.93
N GLY A 42 23.62 2.71 -0.29
CA GLY A 42 23.16 3.84 -1.05
C GLY A 42 21.68 3.86 -1.25
N ALA A 43 21.14 2.75 -1.72
CA ALA A 43 19.72 2.60 -1.91
C ALA A 43 18.95 2.66 -0.57
N LEU A 44 19.51 2.08 0.49
CA LEU A 44 18.80 2.16 1.77
C LEU A 44 18.65 3.63 2.13
N ASN A 45 19.69 4.40 1.90
CA ASN A 45 19.64 5.85 2.12
C ASN A 45 18.58 6.58 1.30
N ARG A 46 18.65 6.41 -0.02
CA ARG A 46 17.71 7.07 -0.89
C ARG A 46 16.28 6.71 -0.53
N GLN A 47 15.99 5.41 -0.44
CA GLN A 47 14.66 4.91 -0.18
C GLN A 47 14.18 5.18 1.26
N GLY A 48 15.09 5.14 2.21
CA GLY A 48 14.74 5.25 3.62
C GLY A 48 14.49 3.90 4.27
N PHE A 49 14.43 2.83 3.50
CA PHE A 49 14.15 1.51 4.04
C PHE A 49 14.59 0.41 3.04
N MET A 50 14.63 -0.83 3.50
CA MET A 50 15.01 -1.95 2.65
C MET A 50 14.41 -3.26 3.20
N PRO A 51 13.53 -3.94 2.45
CA PRO A 51 13.14 -5.28 2.85
C PRO A 51 14.30 -6.21 2.58
N VAL A 52 14.62 -7.07 3.54
CA VAL A 52 15.77 -7.97 3.41
C VAL A 52 15.31 -9.41 3.61
N LEU A 53 15.65 -10.27 2.66
CA LEU A 53 15.33 -11.66 2.79
C LEU A 53 16.51 -12.38 3.41
N THR A 54 16.23 -13.09 4.50
CA THR A 54 17.26 -13.69 5.30
C THR A 54 17.06 -15.17 5.39
N GLY A 55 18.10 -15.87 5.85
CA GLY A 55 18.05 -17.31 6.13
C GLY A 55 17.76 -18.12 4.90
N VAL A 56 18.32 -17.70 3.76
CA VAL A 56 18.27 -18.47 2.52
C VAL A 56 19.68 -18.91 2.17
N GLY A 57 19.79 -19.85 1.24
CA GLY A 57 21.10 -20.30 0.76
C GLY A 57 20.96 -21.39 -0.26
N PRO A 58 22.05 -22.06 -0.62
CA PRO A 58 21.94 -23.10 -1.63
C PRO A 58 20.94 -24.19 -1.29
N HIS A 59 20.64 -24.40 -0.02
CA HIS A 59 19.72 -25.48 0.34
C HIS A 59 18.44 -24.97 0.96
N ARG A 60 18.24 -23.65 1.03
CA ARG A 60 17.02 -23.08 1.60
C ARG A 60 16.42 -22.07 0.64
N ASP A 61 15.33 -22.44 -0.03
CA ASP A 61 14.57 -21.52 -0.91
C ASP A 61 13.67 -20.57 -0.15
N SER A 62 13.42 -20.86 1.12
CA SER A 62 12.39 -20.17 1.85
C SER A 62 12.90 -19.64 3.19
N GLY A 63 13.01 -18.32 3.34
CA GLY A 63 13.53 -17.71 4.56
C GLY A 63 12.58 -16.72 5.19
N HIS A 64 13.11 -15.62 5.72
CA HIS A 64 12.30 -14.72 6.50
C HIS A 64 12.51 -13.32 5.98
N TRP A 65 11.43 -12.57 5.77
CA TRP A 65 11.58 -11.18 5.39
C TRP A 65 11.66 -10.32 6.62
N ILE A 66 12.55 -9.34 6.60
CA ILE A 66 12.59 -8.27 7.59
C ILE A 66 12.78 -6.93 6.92
N MET A 67 12.75 -5.86 7.72
CA MET A 67 12.86 -4.50 7.19
C MET A 67 13.93 -3.70 7.91
N LEU A 68 14.83 -3.14 7.13
CA LEU A 68 15.78 -2.15 7.57
C LEU A 68 15.20 -0.79 7.37
N ILE A 69 15.32 0.05 8.38
CA ILE A 69 14.73 1.38 8.34
C ILE A 69 15.77 2.39 8.71
N LYS A 70 15.90 3.41 7.85
CA LYS A 70 16.65 4.62 8.16
C LYS A 70 15.82 5.64 8.94
N GLY A 71 16.32 6.04 10.09
CA GLY A 71 15.71 7.09 10.89
C GLY A 71 16.44 8.38 10.60
N PRO A 72 16.25 9.39 11.44
CA PRO A 72 16.99 10.62 11.26
C PRO A 72 18.38 10.54 11.90
N GLY A 73 19.26 11.39 11.41
CA GLY A 73 20.65 11.38 11.81
C GLY A 73 21.31 10.07 11.43
N ASN A 74 22.08 9.54 12.37
CA ASN A 74 22.89 8.33 12.19
C ASN A 74 22.14 7.01 12.49
N GLN A 75 20.86 7.09 12.84
CA GLN A 75 20.12 6.00 13.45
C GLN A 75 19.41 5.12 12.46
N TYR A 76 19.49 3.82 12.70
CA TYR A 76 18.79 2.84 11.87
C TYR A 76 17.99 1.88 12.75
N TYR A 77 16.99 1.23 12.13
CA TYR A 77 16.11 0.31 12.84
C TYR A 77 15.88 -0.98 12.07
N LEU A 78 15.68 -2.04 12.81
CA LEU A 78 15.36 -3.34 12.26
C LEU A 78 13.96 -3.78 12.74
N PHE A 79 13.08 -4.03 11.80
CA PHE A 79 11.78 -4.61 12.10
C PHE A 79 11.71 -6.09 11.66
N ASP A 80 11.64 -7.00 12.65
CA ASP A 80 11.38 -8.42 12.38
C ASP A 80 9.93 -8.72 12.80
N PRO A 81 9.09 -9.17 11.85
CA PRO A 81 7.69 -9.50 12.13
C PRO A 81 7.53 -10.63 13.14
N LEU A 82 8.54 -11.47 13.30
CA LEU A 82 8.54 -12.50 14.35
C LEU A 82 8.76 -11.94 15.75
N GLY A 83 9.08 -10.64 15.84
CA GLY A 83 9.32 -10.00 17.14
C GLY A 83 10.77 -9.63 17.45
N LYS A 84 10.93 -8.95 18.57
CA LYS A 84 12.20 -8.37 19.03
C LYS A 84 13.32 -9.41 19.13
N THR A 85 13.07 -10.47 19.88
CA THR A 85 14.04 -11.54 20.08
C THR A 85 14.55 -12.12 18.77
N SER A 86 13.64 -12.51 17.89
CA SER A 86 14.04 -12.98 16.58
C SER A 86 14.90 -11.92 15.87
N GLY A 87 14.49 -10.67 15.92
CA GLY A 87 15.24 -9.58 15.29
C GLY A 87 16.65 -9.37 15.80
N GLU A 88 16.88 -9.71 17.06
CA GLU A 88 18.21 -9.62 17.65
C GLU A 88 19.22 -10.57 16.99
N GLY A 89 18.74 -11.67 16.43
CA GLY A 89 19.61 -12.62 15.76
C GLY A 89 20.51 -12.07 14.65
N TYR A 90 20.03 -11.08 13.91
CA TYR A 90 20.76 -10.57 12.75
C TYR A 90 21.23 -9.15 12.99
N GLN A 91 21.13 -8.70 14.24
CA GLN A 91 21.42 -7.32 14.54
C GLN A 91 22.90 -6.96 14.33
N ASN A 92 23.78 -7.84 14.77
CA ASN A 92 25.21 -7.53 14.67
C ASN A 92 25.70 -7.58 13.26
N ILE A 93 25.31 -8.61 12.52
CA ILE A 93 25.81 -8.74 11.17
C ILE A 93 25.33 -7.63 10.27
N LEU A 94 24.13 -7.14 10.49
CA LEU A 94 23.62 -6.05 9.69
C LEU A 94 24.17 -4.70 10.11
N ALA A 95 24.40 -4.50 11.40
CA ALA A 95 24.99 -3.24 11.89
C ALA A 95 26.41 -3.07 11.31
N ALA A 96 27.10 -4.17 11.11
CA ALA A 96 28.44 -4.10 10.52
C ALA A 96 28.42 -3.71 9.03
N GLN A 97 27.24 -3.74 8.37
CA GLN A 97 27.12 -3.38 6.97
C GLN A 97 26.79 -1.90 6.76
N LEU A 98 26.48 -1.20 7.84
CA LEU A 98 25.97 0.16 7.73
C LEU A 98 27.12 1.15 7.60
N PRO A 99 26.85 2.40 7.19
CA PRO A 99 27.95 3.37 7.12
C PRO A 99 28.65 3.59 8.46
N MET A 100 29.93 3.97 8.42
CA MET A 100 30.74 4.19 9.64
C MET A 100 30.05 5.16 10.60
N GLY A 101 30.07 4.85 11.91
CA GLY A 101 29.50 5.72 12.94
C GLY A 101 28.00 5.60 13.23
N SER A 102 27.29 4.77 12.47
CA SER A 102 25.84 4.65 12.64
C SER A 102 25.46 3.60 13.68
N THR A 103 24.18 3.62 14.10
CA THR A 103 23.63 2.67 15.09
C THR A 103 22.50 1.86 14.50
N LEU A 104 22.30 0.65 15.03
CA LEU A 104 21.14 -0.19 14.68
C LEU A 104 20.38 -0.65 15.92
N SER A 105 19.06 -0.37 15.96
CA SER A 105 18.19 -0.79 17.08
C SER A 105 17.06 -1.67 16.59
N VAL A 106 16.72 -2.66 17.40
CA VAL A 106 15.69 -3.57 17.04
C VAL A 106 14.40 -3.01 17.57
N ILE A 107 13.48 -2.65 16.68
CA ILE A 107 12.12 -2.32 17.08
C ILE A 107 11.53 -3.41 17.96
N PRO A 108 10.99 -3.04 19.14
CA PRO A 108 10.57 -4.03 20.12
C PRO A 108 9.07 -4.44 20.06
N ASN A 109 8.65 -5.02 18.94
CA ASN A 109 7.31 -5.58 18.80
C ASN A 109 7.30 -7.02 19.30
N GLY A 110 6.12 -7.52 19.63
CA GLY A 110 6.00 -8.83 20.22
C GLY A 110 5.95 -9.97 19.23
N SER A 111 6.21 -11.17 19.75
CA SER A 111 6.22 -12.39 19.00
C SER A 111 4.82 -12.99 18.91
N GLY A 112 4.69 -14.06 18.11
CA GLY A 112 3.45 -14.80 17.97
C GLY A 112 2.44 -14.16 17.05
N LEU A 113 2.86 -13.24 16.19
CA LEU A 113 1.93 -12.55 15.29
C LEU A 113 2.32 -12.65 13.81
N ASN A 114 3.46 -13.24 13.51
CA ASN A 114 3.88 -13.37 12.12
C ASN A 114 2.89 -14.20 11.33
N MET A 115 2.58 -15.41 11.78
CA MET A 115 1.56 -16.28 11.18
C MET A 115 1.89 -16.71 9.76
N GLY A 116 3.17 -16.89 9.43
CA GLY A 116 3.57 -17.17 8.06
C GLY A 116 3.63 -15.99 7.06
N LEU A 117 3.35 -14.75 7.50
CA LEU A 117 3.08 -13.59 6.60
C LEU A 117 4.13 -12.47 6.59
N CYS A 118 5.32 -12.76 7.10
CA CYS A 118 6.43 -11.84 7.18
C CYS A 118 6.52 -10.82 6.02
N GLY A 119 6.35 -11.30 4.80
CA GLY A 119 6.56 -10.42 3.66
C GLY A 119 5.51 -9.37 3.58
N TYR A 120 4.27 -9.76 3.84
CA TYR A 120 3.17 -8.77 3.88
C TYR A 120 3.36 -7.75 4.98
N TRP A 121 3.77 -8.21 6.16
CA TRP A 121 3.95 -7.33 7.30
C TRP A 121 5.03 -6.28 7.04
N VAL A 122 6.13 -6.73 6.44
CA VAL A 122 7.22 -5.88 6.06
C VAL A 122 6.78 -4.76 5.13
N ALA A 123 5.85 -5.06 4.24
CA ALA A 123 5.39 -4.09 3.25
C ALA A 123 4.30 -3.14 3.72
N SER A 124 3.77 -3.38 4.92
CA SER A 124 2.71 -2.53 5.45
C SER A 124 3.24 -1.93 6.72
N ALA A 125 3.30 -2.74 7.76
CA ALA A 125 3.78 -2.23 9.05
C ALA A 125 5.22 -1.72 8.93
N GLY A 126 6.02 -2.43 8.13
CA GLY A 126 7.37 -1.97 7.84
C GLY A 126 7.36 -0.51 7.47
N LEU A 127 6.50 -0.13 6.54
CA LEU A 127 6.49 1.25 6.06
C LEU A 127 5.91 2.22 7.03
N ARG A 128 4.89 1.80 7.79
CA ARG A 128 4.28 2.68 8.77
C ARG A 128 5.26 3.00 9.90
N ALA A 129 6.09 2.03 10.28
CA ALA A 129 7.20 2.36 11.17
C ALA A 129 8.28 3.29 10.53
N HIS A 130 8.61 3.14 9.25
CA HIS A 130 9.51 4.13 8.63
C HIS A 130 8.98 5.55 8.83
N GLN A 131 7.69 5.69 8.59
CA GLN A 131 7.02 6.97 8.68
C GLN A 131 7.07 7.53 10.11
N ALA A 132 6.79 6.68 11.07
CA ALA A 132 6.62 7.10 12.43
C ALA A 132 7.95 7.58 13.01
N LEU A 133 9.00 6.82 12.78
CA LEU A 133 10.32 7.20 13.27
C LEU A 133 10.90 8.43 12.55
N ASN A 134 10.32 8.82 11.42
CA ASN A 134 10.83 9.98 10.66
C ASN A 134 9.92 11.18 10.65
N GLN A 135 8.94 11.26 11.53
CA GLN A 135 7.96 12.33 11.44
C GLN A 135 8.29 13.42 12.44
N HIS A 136 7.61 14.54 12.27
CA HIS A 136 7.78 15.75 13.05
C HIS A 136 8.00 15.56 14.55
N ASN A 137 7.12 14.86 15.23
CA ASN A 137 7.38 14.58 16.64
C ASN A 137 7.40 13.10 16.91
N PRO A 138 8.56 12.48 16.71
CA PRO A 138 8.57 11.01 16.72
C PRO A 138 8.14 10.42 18.05
N PRO A 139 7.32 9.36 18.05
CA PRO A 139 7.10 8.71 19.33
C PRO A 139 8.36 7.97 19.72
N THR A 140 8.48 7.60 20.98
CA THR A 140 9.62 6.80 21.42
C THR A 140 9.66 5.43 20.71
N LEU A 141 10.81 4.79 20.83
CA LEU A 141 11.03 3.50 20.25
C LEU A 141 10.24 2.37 20.97
N LEU A 142 9.99 2.50 22.28
CA LEU A 142 9.01 1.62 22.92
C LEU A 142 7.63 1.81 22.34
N ASN A 143 7.16 3.07 22.22
CA ASN A 143 5.82 3.33 21.67
C ASN A 143 5.72 2.71 20.30
N VAL A 144 6.75 2.86 19.48
CA VAL A 144 6.69 2.35 18.13
C VAL A 144 6.47 0.86 18.13
N GLY A 145 7.26 0.14 18.92
CA GLY A 145 7.14 -1.31 18.97
C GLY A 145 5.78 -1.76 19.47
N GLN A 146 5.33 -1.13 20.54
CA GLN A 146 4.03 -1.46 21.10
C GLN A 146 2.94 -1.16 20.05
N THR A 147 3.06 -0.04 19.36
CA THR A 147 2.03 0.33 18.42
C THR A 147 1.93 -0.72 17.32
N ILE A 148 3.07 -1.15 16.83
CA ILE A 148 3.11 -2.14 15.76
C ILE A 148 2.48 -3.46 16.20
N THR A 149 2.85 -3.92 17.39
CA THR A 149 2.24 -5.10 17.96
C THR A 149 0.72 -4.98 17.95
N ASN A 150 0.22 -3.84 18.41
CA ASN A 150 -1.22 -3.59 18.37
C ASN A 150 -1.81 -3.66 16.98
N GLU A 151 -1.07 -3.22 15.98
CA GLU A 151 -1.61 -3.13 14.61
C GLU A 151 -1.66 -4.48 14.01
N MET A 152 -0.69 -5.29 14.35
CA MET A 152 -0.68 -6.63 13.86
C MET A 152 -1.84 -7.39 14.45
N ARG A 153 -2.12 -7.24 15.72
CA ARG A 153 -3.23 -8.01 16.25
C ARG A 153 -4.60 -7.43 15.87
N ASN A 154 -4.76 -6.11 15.78
CA ASN A 154 -6.00 -5.58 15.22
C ASN A 154 -6.24 -6.00 13.80
N GLU A 155 -5.19 -6.22 13.03
CA GLU A 155 -5.41 -6.55 11.66
C GLU A 155 -5.76 -8.01 11.50
N LEU A 156 -5.32 -8.85 12.41
CA LEU A 156 -5.70 -10.26 12.36
C LEU A 156 -7.10 -10.49 12.90
N ASP A 157 -7.61 -9.57 13.72
CA ASP A 157 -8.90 -9.77 14.32
C ASP A 157 -9.97 -9.90 13.24
N HIS A 158 -11.09 -10.54 13.56
CA HIS A 158 -12.29 -10.57 12.69
C HIS A 158 -11.97 -11.10 11.32
N ASP A 159 -11.29 -12.24 11.32
CA ASP A 159 -11.01 -13.00 10.11
C ASP A 159 -9.94 -12.31 9.25
N GLY A 160 -9.03 -11.62 9.92
CA GLY A 160 -8.00 -10.86 9.25
C GLY A 160 -7.04 -11.69 8.43
N TYR A 161 -6.83 -12.93 8.84
CA TYR A 161 -5.88 -13.80 8.17
C TYR A 161 -6.30 -14.12 6.73
N ARG A 162 -7.57 -14.47 6.57
CA ARG A 162 -8.12 -14.78 5.28
C ARG A 162 -8.09 -13.55 4.39
N LYS A 163 -8.36 -12.38 4.94
CA LYS A 163 -8.37 -11.17 4.14
C LYS A 163 -6.99 -10.84 3.59
N ILE A 164 -5.96 -11.00 4.43
CA ILE A 164 -4.60 -10.71 4.02
C ILE A 164 -4.15 -11.73 2.98
N THR A 165 -4.51 -13.00 3.13
CA THR A 165 -4.07 -14.04 2.22
C THR A 165 -4.85 -13.90 0.94
N GLY A 166 -6.11 -13.47 1.03
CA GLY A 166 -6.90 -13.15 -0.17
C GLY A 166 -6.15 -12.12 -0.99
N TRP A 167 -5.58 -11.13 -0.33
CA TRP A 167 -4.89 -10.03 -0.98
C TRP A 167 -3.56 -10.47 -1.56
N LEU A 168 -2.81 -11.31 -0.86
CA LEU A 168 -1.59 -11.87 -1.43
C LEU A 168 -1.92 -12.73 -2.66
N ARG A 169 -2.96 -13.55 -2.60
CA ARG A 169 -3.40 -14.28 -3.77
C ARG A 169 -3.69 -13.32 -4.92
N ALA A 170 -4.48 -12.28 -4.66
CA ALA A 170 -4.86 -11.38 -5.75
C ALA A 170 -3.64 -10.83 -6.45
N VAL A 171 -2.74 -10.30 -5.63
CA VAL A 171 -1.44 -9.75 -6.08
C VAL A 171 -0.62 -10.69 -6.98
N ALA A 172 -0.84 -12.00 -6.83
CA ALA A 172 -0.18 -12.97 -7.69
C ALA A 172 -0.71 -12.95 -9.13
N ASP A 173 -1.72 -12.14 -9.45
CA ASP A 173 -2.35 -12.16 -10.81
C ASP A 173 -2.26 -10.84 -11.58
N MET B 1 34.77 -12.21 -23.46
CA MET B 1 34.23 -10.82 -23.37
C MET B 1 33.56 -10.60 -22.02
N GLN B 2 33.32 -9.33 -21.70
CA GLN B 2 32.76 -8.89 -20.44
C GLN B 2 31.29 -8.52 -20.53
N ILE B 3 30.48 -9.16 -19.68
CA ILE B 3 29.10 -8.74 -19.50
C ILE B 3 28.85 -8.42 -18.04
N PHE B 4 27.76 -7.71 -17.82
CA PHE B 4 27.28 -7.39 -16.49
C PHE B 4 26.02 -8.16 -16.11
N VAL B 5 25.98 -8.59 -14.84
CA VAL B 5 24.77 -9.20 -14.27
C VAL B 5 24.27 -8.37 -13.07
N LYS B 6 23.07 -7.84 -13.13
CA LYS B 6 22.55 -7.01 -12.05
C LYS B 6 21.39 -7.75 -11.35
N THR B 7 21.34 -7.67 -10.03
CA THR B 7 20.35 -8.36 -9.21
C THR B 7 19.36 -7.36 -8.67
N LEU B 8 18.28 -7.88 -8.08
CA LEU B 8 17.29 -7.05 -7.39
C LEU B 8 17.79 -6.54 -6.02
N THR B 9 19.00 -6.93 -5.62
CA THR B 9 19.62 -6.37 -4.44
C THR B 9 20.68 -5.31 -4.76
N GLY B 10 20.79 -4.95 -6.04
CA GLY B 10 21.69 -3.89 -6.48
C GLY B 10 23.17 -4.24 -6.65
N LYS B 11 23.51 -5.51 -6.52
CA LYS B 11 24.86 -5.96 -6.82
C LYS B 11 24.95 -6.01 -8.36
N THR B 12 25.99 -5.42 -8.93
CA THR B 12 26.37 -5.63 -10.32
C THR B 12 27.64 -6.42 -10.33
N ILE B 13 27.65 -7.50 -11.08
CA ILE B 13 28.88 -8.24 -11.15
C ILE B 13 29.28 -8.54 -12.58
N THR B 14 30.60 -8.49 -12.83
CA THR B 14 31.17 -8.72 -14.15
C THR B 14 31.47 -10.18 -14.33
N LEU B 15 31.32 -10.65 -15.57
CA LEU B 15 31.65 -12.00 -15.94
C LEU B 15 32.41 -12.00 -17.23
N GLU B 16 33.27 -13.00 -17.41
CA GLU B 16 34.00 -13.18 -18.67
C GLU B 16 33.39 -14.35 -19.41
N VAL B 17 32.93 -14.10 -20.62
CA VAL B 17 32.12 -15.08 -21.34
C VAL B 17 32.45 -15.07 -22.82
N GLU B 18 32.14 -16.19 -23.49
CA GLU B 18 32.17 -16.31 -24.96
C GLU B 18 30.73 -16.17 -25.45
N PRO B 19 30.51 -15.63 -26.66
CA PRO B 19 29.15 -15.59 -27.21
C PRO B 19 28.53 -16.97 -27.46
N SER B 20 29.38 -17.98 -27.60
CA SER B 20 28.94 -19.34 -27.83
C SER B 20 28.64 -20.10 -26.53
N ASP B 21 28.92 -19.48 -25.39
CA ASP B 21 28.51 -19.99 -24.08
C ASP B 21 26.97 -20.10 -24.01
N THR B 22 26.47 -21.26 -23.57
CA THR B 22 25.05 -21.37 -23.25
C THR B 22 24.74 -20.60 -21.97
N ILE B 23 23.45 -20.30 -21.82
CA ILE B 23 22.92 -19.66 -20.66
C ILE B 23 23.22 -20.51 -19.43
N GLU B 24 23.23 -21.83 -19.59
CA GLU B 24 23.53 -22.71 -18.49
C GLU B 24 25.00 -22.54 -18.10
N ASN B 25 25.87 -22.31 -19.07
CA ASN B 25 27.27 -22.01 -18.73
C ASN B 25 27.34 -20.78 -17.86
N VAL B 26 26.55 -19.78 -18.23
CA VAL B 26 26.60 -18.53 -17.50
C VAL B 26 26.17 -18.77 -16.06
N LYS B 27 25.21 -19.65 -15.88
CA LYS B 27 24.72 -19.90 -14.53
C LYS B 27 25.77 -20.62 -13.69
N ALA B 28 26.38 -21.66 -14.27
CA ALA B 28 27.56 -22.27 -13.68
C ALA B 28 28.62 -21.23 -13.32
N LYS B 29 28.86 -20.23 -14.16
CA LYS B 29 29.82 -19.16 -13.80
C LYS B 29 29.36 -18.32 -12.60
N ILE B 30 28.06 -18.24 -12.40
CA ILE B 30 27.51 -17.52 -11.27
C ILE B 30 27.57 -18.40 -10.02
N GLN B 31 27.30 -19.67 -10.21
CA GLN B 31 27.49 -20.58 -9.12
C GLN B 31 28.91 -20.46 -8.59
N ASP B 32 29.91 -20.42 -9.49
CA ASP B 32 31.33 -20.41 -9.04
C ASP B 32 31.70 -19.15 -8.30
N LYS B 33 31.39 -17.98 -8.87
CA LYS B 33 31.66 -16.71 -8.19
C LYS B 33 30.81 -16.49 -6.95
N GLU B 34 29.48 -16.70 -7.05
CA GLU B 34 28.53 -16.27 -5.98
C GLU B 34 28.03 -17.36 -5.10
N GLY B 35 28.25 -18.63 -5.47
CA GLY B 35 27.77 -19.79 -4.69
C GLY B 35 26.28 -20.06 -4.85
N ILE B 36 25.67 -19.48 -5.88
CA ILE B 36 24.24 -19.70 -6.13
C ILE B 36 24.02 -20.81 -7.15
N PRO B 37 23.33 -21.87 -6.77
CA PRO B 37 23.14 -22.93 -7.75
C PRO B 37 22.22 -22.54 -8.93
N PRO B 38 22.47 -23.08 -10.13
CA PRO B 38 21.68 -22.70 -11.34
C PRO B 38 20.16 -22.92 -11.17
N ASP B 39 19.82 -24.00 -10.51
CA ASP B 39 18.57 -24.15 -9.81
C ASP B 39 17.87 -22.84 -9.37
N GLN B 40 18.60 -21.92 -8.75
CA GLN B 40 17.96 -20.76 -8.16
C GLN B 40 17.92 -19.52 -9.04
N GLN B 41 18.41 -19.60 -10.27
CA GLN B 41 18.55 -18.40 -11.09
C GLN B 41 17.63 -18.34 -12.33
N ARG B 42 16.90 -17.24 -12.47
CA ARG B 42 16.11 -16.92 -13.66
C ARG B 42 16.97 -15.76 -14.26
N LEU B 43 17.31 -15.83 -15.55
CA LEU B 43 18.08 -14.75 -16.18
C LEU B 43 17.29 -14.04 -17.25
N ILE B 44 17.52 -12.74 -17.45
CA ILE B 44 16.66 -11.92 -18.29
C ILE B 44 17.44 -10.84 -19.03
N PHE B 45 17.20 -10.71 -20.33
CA PHE B 45 17.84 -9.67 -21.15
C PHE B 45 16.75 -9.11 -22.04
N ALA B 46 16.67 -7.78 -22.09
CA ALA B 46 15.62 -7.02 -22.81
C ALA B 46 14.25 -7.65 -22.59
N GLY B 47 13.78 -7.64 -21.34
CA GLY B 47 12.51 -8.31 -20.97
C GLY B 47 12.23 -9.70 -21.52
N LYS B 48 13.26 -10.44 -21.91
CA LYS B 48 13.09 -11.80 -22.36
C LYS B 48 13.72 -12.73 -21.33
N GLN B 49 13.03 -13.79 -20.92
CA GLN B 49 13.66 -14.83 -20.07
C GLN B 49 14.49 -15.69 -20.99
N LEU B 50 15.66 -16.12 -20.52
CA LEU B 50 16.65 -16.76 -21.35
C LEU B 50 16.62 -18.27 -21.09
N GLU B 51 16.60 -19.05 -22.16
CA GLU B 51 16.50 -20.50 -22.03
C GLU B 51 17.87 -21.14 -21.84
N ASP B 52 17.93 -22.11 -20.96
CA ASP B 52 19.20 -22.74 -20.58
C ASP B 52 20.08 -23.23 -21.74
N GLY B 53 19.43 -23.75 -22.79
CA GLY B 53 20.11 -24.40 -23.92
C GLY B 53 20.63 -23.44 -24.97
N ARG B 54 20.00 -22.27 -25.11
CA ARG B 54 20.40 -21.30 -26.12
C ARG B 54 21.71 -20.63 -25.70
N THR B 55 22.39 -19.99 -26.64
CA THR B 55 23.67 -19.29 -26.40
C THR B 55 23.43 -17.82 -26.18
N LEU B 56 24.48 -17.09 -25.77
CA LEU B 56 24.35 -15.65 -25.61
C LEU B 56 24.18 -14.97 -26.94
N SER B 57 24.79 -15.52 -27.99
CA SER B 57 24.69 -14.91 -29.34
C SER B 57 23.29 -15.09 -29.91
N ASP B 58 22.57 -16.16 -29.51
CA ASP B 58 21.13 -16.32 -29.84
C ASP B 58 20.28 -15.15 -29.45
N TYR B 59 20.72 -14.33 -28.50
CA TYR B 59 19.99 -13.15 -28.05
C TYR B 59 20.66 -11.82 -28.36
N ASN B 60 21.74 -11.86 -29.13
CA ASN B 60 22.49 -10.64 -29.45
C ASN B 60 23.10 -9.94 -28.24
N ILE B 61 23.63 -10.71 -27.32
CA ILE B 61 24.30 -10.11 -26.19
C ILE B 61 25.70 -9.67 -26.58
N GLN B 62 25.87 -8.39 -26.87
CA GLN B 62 27.21 -7.82 -27.17
C GLN B 62 28.21 -7.83 -25.98
N LYS B 63 29.43 -7.38 -26.25
CA LYS B 63 30.38 -6.90 -25.23
C LYS B 63 29.68 -5.79 -24.42
N GLU B 64 29.81 -5.79 -23.09
CA GLU B 64 29.21 -4.76 -22.20
C GLU B 64 27.66 -4.75 -22.11
N SER B 65 27.02 -5.85 -22.49
CA SER B 65 25.58 -5.98 -22.35
C SER B 65 25.29 -6.28 -20.86
N THR B 66 24.13 -5.82 -20.40
CA THR B 66 23.71 -6.03 -19.01
C THR B 66 22.54 -7.00 -18.97
N LEU B 67 22.78 -8.20 -18.42
CA LEU B 67 21.71 -9.12 -17.99
C LEU B 67 21.19 -8.83 -16.59
N HIS B 68 19.98 -9.29 -16.32
CA HIS B 68 19.37 -9.14 -15.00
C HIS B 68 19.24 -10.52 -14.41
N LEU B 69 19.56 -10.64 -13.13
CA LEU B 69 19.41 -11.88 -12.41
C LEU B 69 18.32 -11.72 -11.35
N VAL B 70 17.38 -12.65 -11.34
CA VAL B 70 16.34 -12.78 -10.33
C VAL B 70 16.47 -14.17 -9.74
N LEU B 71 16.45 -14.30 -8.41
CA LEU B 71 16.59 -15.61 -7.79
C LEU B 71 15.25 -16.15 -7.39
N ARG B 72 15.05 -17.45 -7.58
CA ARG B 72 13.82 -18.14 -7.18
C ARG B 72 13.81 -18.35 -5.67
N LEU B 73 13.63 -17.28 -4.92
CA LEU B 73 13.73 -17.34 -3.48
C LEU B 73 12.51 -16.62 -2.90
N ARG B 74 12.09 -17.07 -1.71
CA ARG B 74 10.93 -16.53 -1.06
C ARG B 74 11.09 -16.54 0.46
N GLY B 75 10.21 -15.81 1.15
CA GLY B 75 10.16 -15.71 2.59
C GLY B 75 8.72 -15.66 3.09
N PRO C 2 -19.54 -4.99 -8.83
CA PRO C 2 -19.11 -5.74 -7.60
C PRO C 2 -18.69 -4.75 -6.50
N LYS C 3 -18.96 -5.08 -5.25
CA LYS C 3 -18.72 -4.16 -4.14
C LYS C 3 -17.60 -3.09 -4.38
N TYR C 4 -16.38 -3.55 -4.77
CA TYR C 4 -15.11 -2.78 -4.60
C TYR C 4 -14.59 -1.97 -5.77
N VAL C 5 -14.74 -2.50 -6.98
CA VAL C 5 -14.22 -1.86 -8.19
C VAL C 5 -15.15 -2.13 -9.33
N GLU C 6 -15.44 -1.12 -10.15
CA GLU C 6 -16.27 -1.27 -11.33
C GLU C 6 -15.52 -0.70 -12.52
N GLY C 7 -15.16 -1.58 -13.44
CA GLY C 7 -14.21 -1.25 -14.49
C GLY C 7 -12.89 -1.07 -13.78
N VAL C 8 -12.52 0.19 -13.57
CA VAL C 8 -11.29 0.57 -12.83
C VAL C 8 -11.55 1.53 -11.66
N GLU C 9 -12.83 1.82 -11.38
CA GLU C 9 -13.18 2.89 -10.46
C GLU C 9 -13.44 2.25 -9.12
N LEU C 10 -12.73 2.71 -8.09
CA LEU C 10 -13.01 2.27 -6.72
C LEU C 10 -14.35 2.79 -6.27
N THR C 11 -15.07 1.92 -5.59
CA THR C 11 -16.33 2.32 -4.94
C THR C 11 -16.06 2.83 -3.58
N GLN C 12 -17.13 3.33 -2.96
CA GLN C 12 -17.07 3.70 -1.55
C GLN C 12 -16.62 2.51 -0.73
N GLU C 13 -17.25 1.36 -0.96
CA GLU C 13 -16.84 0.14 -0.27
C GLU C 13 -15.37 -0.25 -0.54
N GLY C 14 -14.93 -0.11 -1.78
CA GLY C 14 -13.61 -0.52 -2.14
C GLY C 14 -12.50 0.33 -1.57
N MET C 15 -12.77 1.60 -1.32
CA MET C 15 -11.76 2.48 -0.79
C MET C 15 -11.51 2.11 0.66
N HIS C 16 -12.56 1.89 1.43
CA HIS C 16 -12.41 1.24 2.73
C HIS C 16 -11.54 -0.03 2.67
N ALA C 17 -11.86 -0.90 1.73
CA ALA C 17 -11.21 -2.20 1.66
C ALA C 17 -9.73 -2.07 1.46
N ILE C 18 -9.35 -1.31 0.45
CA ILE C 18 -7.97 -1.23 0.04
C ILE C 18 -7.11 -0.62 1.15
N PHE C 19 -7.64 0.32 1.91
CA PHE C 19 -6.89 0.90 3.05
C PHE C 19 -6.70 -0.09 4.19
N ALA C 20 -7.72 -0.91 4.42
CA ALA C 20 -7.68 -1.97 5.45
C ALA C 20 -6.63 -3.01 5.05
N ARG C 21 -6.60 -3.40 3.79
CA ARG C 21 -5.60 -4.36 3.30
C ARG C 21 -4.19 -3.83 3.35
N MET C 22 -3.99 -2.54 3.18
CA MET C 22 -2.65 -1.97 3.28
C MET C 22 -2.26 -1.71 4.73
N GLY C 23 -3.16 -1.99 5.65
CA GLY C 23 -2.83 -1.98 7.07
C GLY C 23 -3.15 -0.68 7.79
N TYR C 24 -4.18 0.04 7.31
CA TYR C 24 -4.55 1.28 7.99
C TYR C 24 -5.79 1.19 8.90
N GLY C 25 -6.17 -0.04 9.25
CA GLY C 25 -7.35 -0.21 10.10
C GLY C 25 -8.59 0.28 9.36
N ASP C 26 -9.55 0.79 10.12
CA ASP C 26 -10.81 1.27 9.62
C ASP C 26 -10.58 2.70 9.23
N ILE C 27 -10.64 3.00 7.93
CA ILE C 27 -10.53 4.39 7.47
C ILE C 27 -11.89 5.00 7.10
N THR C 28 -12.18 6.17 7.63
CA THR C 28 -13.40 6.87 7.30
C THR C 28 -13.11 7.79 6.13
N SER C 29 -14.02 7.82 5.16
CA SER C 29 -13.92 8.63 3.97
C SER C 29 -14.93 9.78 4.04
N GLY C 30 -14.91 10.67 3.07
CA GLY C 30 -15.85 11.73 3.02
C GLY C 30 -16.51 11.73 1.68
N SER C 31 -17.50 12.60 1.52
CA SER C 31 -18.18 12.74 0.26
C SER C 31 -18.60 14.18 0.04
N ILE C 32 -18.84 14.53 -1.22
CA ILE C 32 -19.66 15.68 -1.55
C ILE C 32 -20.73 15.11 -2.45
N TYR C 33 -21.95 15.03 -1.93
CA TYR C 33 -23.06 14.37 -2.64
C TYR C 33 -24.17 15.41 -2.76
N ASN C 34 -24.60 15.68 -3.98
CA ASN C 34 -25.58 16.75 -4.24
C ASN C 34 -25.09 18.16 -3.85
N GLY C 35 -23.78 18.40 -3.96
CA GLY C 35 -23.16 19.67 -3.56
C GLY C 35 -22.95 19.79 -2.07
N VAL C 36 -23.30 18.76 -1.30
CA VAL C 36 -23.25 18.82 0.14
C VAL C 36 -22.14 17.95 0.70
N PRO C 37 -21.09 18.54 1.29
CA PRO C 37 -20.06 17.69 1.91
C PRO C 37 -20.46 17.03 3.24
N THR C 38 -19.77 15.93 3.51
CA THR C 38 -19.82 15.21 4.76
C THR C 38 -18.38 14.87 5.08
N ILE C 39 -17.83 15.57 6.07
CA ILE C 39 -16.48 15.44 6.46
C ILE C 39 -16.46 15.28 7.99
N ASP C 40 -16.01 14.11 8.45
CA ASP C 40 -15.87 13.83 9.84
C ASP C 40 -14.48 14.34 10.33
N THR C 41 -14.50 15.55 10.90
CA THR C 41 -13.23 16.23 11.18
C THR C 41 -12.47 15.46 12.24
N GLY C 42 -13.18 14.79 13.11
CA GLY C 42 -12.52 13.98 14.12
C GLY C 42 -11.69 12.90 13.51
N ALA C 43 -12.28 12.14 12.61
CA ALA C 43 -11.57 11.09 11.91
C ALA C 43 -10.43 11.63 11.02
N LEU C 44 -10.65 12.76 10.36
CA LEU C 44 -9.57 13.33 9.57
C LEU C 44 -8.37 13.59 10.48
N ASN C 45 -8.63 14.11 11.67
CA ASN C 45 -7.60 14.32 12.67
C ASN C 45 -6.85 13.08 13.12
N ARG C 46 -7.62 12.09 13.58
CA ARG C 46 -7.03 10.85 14.03
C ARG C 46 -6.20 10.22 12.91
N GLN C 47 -6.81 10.03 11.75
CA GLN C 47 -6.16 9.37 10.64
C GLN C 47 -5.02 10.20 10.02
N GLY C 48 -5.17 11.50 10.01
CA GLY C 48 -4.22 12.37 9.32
C GLY C 48 -4.59 12.62 7.86
N PHE C 49 -5.58 11.90 7.33
CA PHE C 49 -6.00 12.09 5.96
C PHE C 49 -7.41 11.54 5.73
N MET C 50 -8.01 11.84 4.59
CA MET C 50 -9.37 11.38 4.27
C MET C 50 -9.58 11.37 2.73
N PRO C 51 -9.83 10.19 2.11
CA PRO C 51 -10.23 10.20 0.75
C PRO C 51 -11.65 10.66 0.69
N VAL C 52 -11.96 11.54 -0.26
CA VAL C 52 -13.28 12.11 -0.38
C VAL C 52 -13.81 11.90 -1.79
N LEU C 53 -15.01 11.35 -1.89
CA LEU C 53 -15.63 11.16 -3.16
C LEU C 53 -16.53 12.33 -3.45
N THR C 54 -16.33 12.95 -4.62
CA THR C 54 -16.96 14.20 -4.93
C THR C 54 -17.71 14.09 -6.22
N GLY C 55 -18.58 15.07 -6.47
CA GLY C 55 -19.32 15.14 -7.73
C GLY C 55 -20.24 13.96 -7.95
N VAL C 56 -20.84 13.45 -6.89
CA VAL C 56 -21.87 12.42 -6.95
C VAL C 56 -23.20 13.01 -6.48
N GLY C 57 -24.28 12.29 -6.75
CA GLY C 57 -25.61 12.71 -6.30
C GLY C 57 -26.68 11.76 -6.76
N PRO C 58 -27.95 12.14 -6.61
CA PRO C 58 -29.01 11.24 -7.04
C PRO C 58 -28.91 10.81 -8.48
N HIS C 59 -28.28 11.59 -9.33
CA HIS C 59 -28.21 11.23 -10.75
C HIS C 59 -26.80 10.95 -11.23
N ARG C 60 -25.81 10.93 -10.33
CA ARG C 60 -24.42 10.64 -10.70
C ARG C 60 -23.83 9.60 -9.77
N ASP C 61 -23.69 8.36 -10.26
CA ASP C 61 -23.05 7.26 -9.49
C ASP C 61 -21.53 7.34 -9.53
N SER C 62 -20.99 8.14 -10.42
CA SER C 62 -19.59 8.11 -10.69
C SER C 62 -18.96 9.52 -10.63
N GLY C 63 -18.12 9.78 -9.63
CA GLY C 63 -17.51 11.08 -9.45
C GLY C 63 -16.01 11.01 -9.40
N HIS C 64 -15.39 11.80 -8.53
CA HIS C 64 -13.94 11.95 -8.53
C HIS C 64 -13.44 11.76 -7.11
N TRP C 65 -12.40 10.95 -6.95
CA TRP C 65 -11.77 10.82 -5.64
C TRP C 65 -10.70 11.88 -5.47
N ILE C 66 -10.63 12.47 -4.28
CA ILE C 66 -9.55 13.35 -3.87
C ILE C 66 -9.15 13.05 -2.43
N MET C 67 -8.09 13.69 -1.97
CA MET C 67 -7.52 13.42 -0.64
C MET C 67 -7.35 14.69 0.17
N LEU C 68 -7.93 14.70 1.35
CA LEU C 68 -7.70 15.70 2.35
C LEU C 68 -6.57 15.24 3.24
N ILE C 69 -5.65 16.14 3.51
CA ILE C 69 -4.48 15.81 4.28
C ILE C 69 -4.30 16.81 5.39
N LYS C 70 -4.10 16.27 6.59
CA LYS C 70 -3.70 17.05 7.77
C LYS C 70 -2.18 17.19 7.86
N GLY C 71 -1.71 18.43 7.90
CA GLY C 71 -0.31 18.73 8.08
C GLY C 71 -0.10 19.06 9.53
N PRO C 72 1.04 19.64 9.85
CA PRO C 72 1.27 20.05 11.22
C PRO C 72 0.68 21.41 11.53
N GLY C 73 0.45 21.63 12.82
CA GLY C 73 -0.25 22.81 13.29
C GLY C 73 -1.66 22.81 12.77
N ASN C 74 -2.10 23.97 12.28
CA ASN C 74 -3.47 24.12 11.81
C ASN C 74 -3.66 23.98 10.28
N GLN C 75 -2.63 23.47 9.61
CA GLN C 75 -2.57 23.44 8.14
C GLN C 75 -3.16 22.16 7.58
N TYR C 76 -3.93 22.32 6.51
CA TYR C 76 -4.47 21.18 5.78
C TYR C 76 -4.18 21.29 4.29
N TYR C 77 -4.26 20.16 3.59
CA TYR C 77 -3.93 20.11 2.15
C TYR C 77 -4.94 19.27 1.38
N LEU C 78 -5.13 19.66 0.13
CA LEU C 78 -6.01 18.97 -0.77
C LEU C 78 -5.19 18.44 -1.97
N PHE C 79 -5.27 17.14 -2.19
CA PHE C 79 -4.65 16.54 -3.36
C PHE C 79 -5.73 16.07 -4.34
N ASP C 80 -5.80 16.73 -5.50
CA ASP C 80 -6.65 16.29 -6.58
C ASP C 80 -5.75 15.70 -7.66
N PRO C 81 -5.92 14.39 -7.97
CA PRO C 81 -5.17 13.71 -9.02
C PRO C 81 -5.31 14.33 -10.43
N LEU C 82 -6.41 15.02 -10.69
CA LEU C 82 -6.57 15.78 -11.92
C LEU C 82 -5.70 17.04 -11.98
N GLY C 83 -5.04 17.39 -10.88
CA GLY C 83 -4.20 18.61 -10.83
C GLY C 83 -4.72 19.78 -9.98
N LYS C 84 -3.87 20.79 -9.86
CA LYS C 84 -4.08 21.98 -9.04
C LYS C 84 -5.37 22.71 -9.37
N THR C 85 -5.54 23.05 -10.64
CA THR C 85 -6.74 23.77 -11.10
C THR C 85 -8.04 23.06 -10.74
N SER C 86 -8.12 21.77 -11.08
CA SER C 86 -9.25 20.98 -10.70
C SER C 86 -9.45 21.03 -9.18
N GLY C 87 -8.40 20.89 -8.41
CA GLY C 87 -8.49 20.92 -6.96
C GLY C 87 -8.99 22.21 -6.38
N GLU C 88 -8.76 23.32 -7.08
CA GLU C 88 -9.27 24.61 -6.63
C GLU C 88 -10.80 24.67 -6.61
N GLY C 89 -11.44 23.87 -7.44
CA GLY C 89 -12.89 23.83 -7.51
C GLY C 89 -13.62 23.60 -6.20
N TYR C 90 -13.04 22.78 -5.32
CA TYR C 90 -13.72 22.37 -4.10
C TYR C 90 -13.02 22.94 -2.87
N GLN C 91 -12.11 23.88 -3.11
CA GLN C 91 -11.28 24.37 -2.03
C GLN C 91 -12.06 25.14 -0.99
N ASN C 92 -12.97 25.99 -1.44
CA ASN C 92 -13.71 26.80 -0.49
C ASN C 92 -14.69 25.99 0.33
N ILE C 93 -15.44 25.13 -0.34
CA ILE C 93 -16.47 24.41 0.37
C ILE C 93 -15.90 23.48 1.39
N LEU C 94 -14.73 22.92 1.12
CA LEU C 94 -14.09 22.04 2.06
C LEU C 94 -13.38 22.78 3.18
N ALA C 95 -12.81 23.93 2.88
CA ALA C 95 -12.16 24.74 3.93
C ALA C 95 -13.20 25.18 4.96
N ALA C 96 -14.42 25.41 4.53
CA ALA C 96 -15.47 25.79 5.45
C ALA C 96 -15.90 24.65 6.38
N GLN C 97 -15.53 23.41 6.07
CA GLN C 97 -15.85 22.26 6.91
C GLN C 97 -14.81 21.99 7.99
N LEU C 98 -13.67 22.66 7.93
CA LEU C 98 -12.54 22.34 8.80
C LEU C 98 -12.70 23.00 10.16
N PRO C 99 -11.97 22.56 11.18
CA PRO C 99 -12.07 23.27 12.47
C PRO C 99 -11.74 24.75 12.36
N MET C 100 -12.32 25.55 13.25
CA MET C 100 -12.16 27.02 13.23
C MET C 100 -10.70 27.43 13.22
N GLY C 101 -10.35 28.43 12.41
CA GLY C 101 -9.01 29.00 12.37
C GLY C 101 -7.98 28.33 11.45
N SER C 102 -8.29 27.15 10.91
CA SER C 102 -7.38 26.35 10.10
C SER C 102 -7.31 26.83 8.64
N THR C 103 -6.30 26.37 7.91
CA THR C 103 -6.10 26.71 6.48
C THR C 103 -6.18 25.48 5.59
N LEU C 104 -6.57 25.69 4.33
CA LEU C 104 -6.53 24.65 3.29
C LEU C 104 -5.78 25.14 2.03
N SER C 105 -4.76 24.36 1.63
CA SER C 105 -3.96 24.67 0.42
C SER C 105 -4.04 23.51 -0.57
N VAL C 106 -4.06 23.86 -1.83
CA VAL C 106 -4.15 22.90 -2.84
C VAL C 106 -2.74 22.54 -3.23
N ILE C 107 -2.35 21.30 -2.99
CA ILE C 107 -1.10 20.76 -3.54
C ILE C 107 -1.02 21.01 -5.06
N PRO C 108 0.12 21.57 -5.53
CA PRO C 108 0.19 22.03 -6.91
C PRO C 108 0.82 21.02 -7.91
N ASN C 109 0.20 19.86 -8.07
CA ASN C 109 0.62 18.86 -9.06
C ASN C 109 -0.07 19.15 -10.38
N GLY C 110 0.51 18.63 -11.47
CA GLY C 110 0.02 18.95 -12.79
C GLY C 110 -1.13 18.09 -13.27
N SER C 111 -1.81 18.60 -14.29
CA SER C 111 -2.92 17.94 -14.91
C SER C 111 -2.45 16.97 -15.99
N GLY C 112 -3.39 16.21 -16.52
CA GLY C 112 -3.15 15.28 -17.61
C GLY C 112 -2.56 13.96 -17.20
N LEU C 113 -2.63 13.60 -15.91
CA LEU C 113 -2.04 12.35 -15.42
C LEU C 113 -3.02 11.47 -14.66
N ASN C 114 -4.24 11.93 -14.44
CA ASN C 114 -5.23 11.11 -13.79
C ASN C 114 -5.48 9.81 -14.55
N MET C 115 -5.83 9.91 -15.83
CA MET C 115 -6.03 8.74 -16.69
C MET C 115 -7.19 7.82 -16.27
N GLY C 116 -8.24 8.35 -15.66
CA GLY C 116 -9.32 7.53 -15.11
C GLY C 116 -9.07 6.85 -13.75
N LEU C 117 -7.91 7.08 -13.10
CA LEU C 117 -7.44 6.27 -11.95
C LEU C 117 -7.40 6.98 -10.57
N CYS C 118 -8.08 8.12 -10.47
CA CYS C 118 -8.13 8.95 -9.28
C CYS C 118 -8.09 8.16 -7.95
N GLY C 119 -8.84 7.08 -7.88
CA GLY C 119 -8.96 6.36 -6.61
C GLY C 119 -7.68 5.70 -6.23
N TYR C 120 -7.00 5.13 -7.23
CA TYR C 120 -5.68 4.52 -7.00
C TYR C 120 -4.65 5.55 -6.59
N TRP C 121 -4.65 6.69 -7.25
CA TRP C 121 -3.69 7.74 -6.99
C TRP C 121 -3.83 8.28 -5.58
N VAL C 122 -5.08 8.45 -5.16
CA VAL C 122 -5.41 8.90 -3.82
C VAL C 122 -4.84 7.97 -2.76
N ALA C 123 -4.87 6.67 -3.02
CA ALA C 123 -4.44 5.66 -2.05
C ALA C 123 -2.94 5.39 -2.03
N SER C 124 -2.21 5.98 -2.97
CA SER C 124 -0.76 5.76 -3.04
C SER C 124 -0.13 7.13 -2.90
N ALA C 125 -0.22 7.94 -3.95
CA ALA C 125 0.40 9.27 -3.89
C ALA C 125 -0.21 10.12 -2.78
N GLY C 126 -1.52 9.98 -2.60
CA GLY C 126 -2.21 10.61 -1.50
C GLY C 126 -1.47 10.39 -0.20
N LEU C 127 -1.14 9.15 0.09
CA LEU C 127 -0.46 8.85 1.37
C LEU C 127 0.97 9.30 1.43
N ARG C 128 1.69 9.23 0.31
CA ARG C 128 3.08 9.65 0.26
C ARG C 128 3.20 11.15 0.48
N ALA C 129 2.24 11.91 -0.03
CA ALA C 129 2.17 13.32 0.34
C ALA C 129 1.79 13.54 1.84
N HIS C 130 0.88 12.76 2.43
CA HIS C 130 0.65 12.90 3.88
C HIS C 130 1.97 12.80 4.65
N GLN C 131 2.76 11.82 4.27
CA GLN C 131 4.01 11.54 4.92
C GLN C 131 4.98 12.70 4.77
N ALA C 132 5.06 13.22 3.57
CA ALA C 132 6.06 14.20 3.23
C ALA C 132 5.80 15.50 3.98
N LEU C 133 4.56 15.95 3.97
CA LEU C 133 4.22 17.19 4.65
C LEU C 133 4.28 17.05 6.17
N ASN C 134 4.36 15.83 6.70
CA ASN C 134 4.43 15.64 8.18
C ASN C 134 5.73 15.11 8.69
N GLN C 135 6.81 15.18 7.93
CA GLN C 135 8.06 14.57 8.34
C GLN C 135 8.99 15.61 8.91
N HIS C 136 10.06 15.12 9.51
CA HIS C 136 11.07 15.91 10.19
C HIS C 136 11.51 17.21 9.50
N ASN C 137 11.92 17.14 8.25
CA ASN C 137 12.23 18.38 7.56
C ASN C 137 11.40 18.51 6.30
N PRO C 138 10.19 19.05 6.44
CA PRO C 138 9.27 18.98 5.31
C PRO C 138 9.78 19.71 4.09
N PRO C 139 9.61 19.12 2.89
CA PRO C 139 9.96 19.93 1.73
C PRO C 139 8.90 21.01 1.57
N THR C 140 9.19 22.03 0.76
CA THR C 140 8.20 23.05 0.47
C THR C 140 6.98 22.45 -0.26
N LEU C 141 5.92 23.24 -0.28
CA LEU C 141 4.70 22.85 -0.93
C LEU C 141 4.82 22.84 -2.48
N LEU C 142 5.67 23.68 -3.07
CA LEU C 142 6.02 23.52 -4.48
C LEU C 142 6.74 22.21 -4.72
N ASN C 143 7.77 21.89 -3.91
CA ASN C 143 8.50 20.63 -4.06
C ASN C 143 7.55 19.47 -4.02
N VAL C 144 6.61 19.51 -3.07
CA VAL C 144 5.69 18.40 -2.90
C VAL C 144 4.90 18.19 -4.18
N GLY C 145 4.31 19.25 -4.71
CA GLY C 145 3.49 19.13 -5.90
C GLY C 145 4.26 18.65 -7.10
N GLN C 146 5.42 19.23 -7.28
CA GLN C 146 6.31 18.80 -8.36
C GLN C 146 6.68 17.30 -8.18
N THR C 147 6.98 16.90 -6.96
CA THR C 147 7.43 15.55 -6.74
C THR C 147 6.34 14.58 -7.13
N ILE C 148 5.12 14.89 -6.71
CA ILE C 148 3.98 14.05 -7.01
C ILE C 148 3.77 13.93 -8.51
N THR C 149 3.79 15.07 -9.22
CA THR C 149 3.68 15.04 -10.67
C THR C 149 4.72 14.10 -11.27
N ASN C 150 5.95 14.20 -10.80
CA ASN C 150 6.99 13.26 -11.25
C ASN C 150 6.70 11.81 -10.98
N GLU C 151 6.03 11.53 -9.87
CA GLU C 151 5.79 10.16 -9.47
C GLU C 151 4.69 9.57 -10.27
N MET C 152 3.74 10.41 -10.62
CA MET C 152 2.66 9.95 -11.42
C MET C 152 3.18 9.63 -12.81
N ARG C 153 4.04 10.45 -13.36
CA ARG C 153 4.48 10.10 -14.70
C ARG C 153 5.52 8.97 -14.71
N ASN C 154 6.40 8.88 -13.71
CA ASN C 154 7.26 7.69 -13.65
C ASN C 154 6.49 6.42 -13.50
N GLU C 155 5.33 6.47 -12.86
CA GLU C 155 4.64 5.25 -12.60
C GLU C 155 3.87 4.82 -13.82
N LEU C 156 3.48 5.77 -14.66
CA LEU C 156 2.83 5.41 -15.91
C LEU C 156 3.81 4.94 -16.96
N ASP C 157 5.09 5.31 -16.85
CA ASP C 157 6.05 4.96 -17.86
C ASP C 157 6.13 3.44 -18.01
N HIS C 158 6.57 2.96 -19.18
CA HIS C 158 6.88 1.53 -19.40
C HIS C 158 5.71 0.63 -19.05
N ASP C 159 4.57 1.00 -19.61
CA ASP C 159 3.35 0.21 -19.53
C ASP C 159 2.74 0.24 -18.14
N GLY C 160 2.90 1.37 -17.47
CA GLY C 160 2.43 1.53 -16.11
C GLY C 160 0.92 1.45 -15.96
N TYR C 161 0.20 1.85 -16.98
CA TYR C 161 -1.26 1.89 -16.91
C TYR C 161 -1.86 0.48 -16.76
N ARG C 162 -1.36 -0.45 -17.54
CA ARG C 162 -1.81 -1.82 -17.51
C ARG C 162 -1.46 -2.45 -16.16
N LYS C 163 -0.31 -2.12 -15.61
CA LYS C 163 0.09 -2.69 -14.33
C LYS C 163 -0.81 -2.23 -13.20
N ILE C 164 -1.15 -0.94 -13.19
CA ILE C 164 -2.01 -0.38 -12.16
C ILE C 164 -3.42 -0.96 -12.29
N THR C 165 -3.93 -1.11 -13.52
CA THR C 165 -5.29 -1.60 -13.72
C THR C 165 -5.31 -3.08 -13.43
N GLY C 166 -4.20 -3.77 -13.70
CA GLY C 166 -4.06 -5.18 -13.30
C GLY C 166 -4.27 -5.29 -11.82
N TRP C 167 -3.70 -4.36 -11.07
CA TRP C 167 -3.72 -4.37 -9.62
C TRP C 167 -5.10 -4.02 -9.09
N LEU C 168 -5.76 -3.06 -9.71
CA LEU C 168 -7.14 -2.76 -9.33
C LEU C 168 -8.04 -3.98 -9.61
N ARG C 169 -7.89 -4.60 -10.77
CA ARG C 169 -8.61 -5.84 -11.02
C ARG C 169 -8.32 -6.89 -9.92
N ALA C 170 -7.07 -7.12 -9.60
CA ALA C 170 -6.76 -8.15 -8.61
C ALA C 170 -7.49 -7.90 -7.30
N VAL C 171 -7.36 -6.67 -6.82
CA VAL C 171 -8.03 -6.18 -5.60
C VAL C 171 -9.55 -6.40 -5.57
N ALA C 172 -10.17 -6.52 -6.75
CA ALA C 172 -11.58 -6.81 -6.83
C ALA C 172 -11.90 -8.27 -6.45
N ASP C 173 -10.90 -9.10 -6.14
CA ASP C 173 -11.14 -10.55 -5.87
C ASP C 173 -10.73 -11.02 -4.47
N MET D 1 -40.26 3.05 16.72
CA MET D 1 -39.00 2.85 17.51
C MET D 1 -37.82 3.48 16.79
N GLN D 2 -36.72 3.65 17.51
CA GLN D 2 -35.50 4.30 17.05
C GLN D 2 -34.40 3.32 16.69
N ILE D 3 -33.91 3.44 15.47
CA ILE D 3 -32.69 2.73 15.08
C ILE D 3 -31.67 3.72 14.57
N PHE D 4 -30.43 3.24 14.53
CA PHE D 4 -29.32 4.00 13.99
C PHE D 4 -28.84 3.45 12.64
N VAL D 5 -28.50 4.38 11.75
CA VAL D 5 -27.85 4.01 10.46
C VAL D 5 -26.47 4.67 10.35
N LYS D 6 -25.41 3.89 10.26
CA LYS D 6 -24.06 4.46 10.19
C LYS D 6 -23.48 4.22 8.80
N THR D 7 -22.79 5.23 8.26
CA THR D 7 -22.25 5.21 6.92
C THR D 7 -20.74 5.05 7.01
N LEU D 8 -20.11 4.80 5.85
CA LEU D 8 -18.67 4.78 5.73
C LEU D 8 -18.03 6.18 5.77
N THR D 9 -18.86 7.22 5.86
CA THR D 9 -18.37 8.58 6.06
C THR D 9 -18.53 9.07 7.50
N GLY D 10 -18.94 8.15 8.38
CA GLY D 10 -19.00 8.42 9.81
C GLY D 10 -20.22 9.17 10.31
N LYS D 11 -21.19 9.43 9.45
CA LYS D 11 -22.44 10.03 9.86
C LYS D 11 -23.23 8.88 10.51
N THR D 12 -23.78 9.13 11.69
CA THR D 12 -24.79 8.29 12.29
C THR D 12 -26.09 9.03 12.25
N ILE D 13 -27.14 8.41 11.75
CA ILE D 13 -28.40 9.08 11.76
C ILE D 13 -29.51 8.21 12.32
N THR D 14 -30.41 8.84 13.07
CA THR D 14 -31.51 8.15 13.72
C THR D 14 -32.70 8.13 12.81
N LEU D 15 -33.45 7.04 12.91
CA LEU D 15 -34.68 6.89 12.18
C LEU D 15 -35.77 6.40 13.09
N GLU D 16 -37.02 6.74 12.79
CA GLU D 16 -38.17 6.22 13.52
C GLU D 16 -38.87 5.20 12.66
N VAL D 17 -38.99 3.97 13.17
CA VAL D 17 -39.43 2.85 12.35
C VAL D 17 -40.31 1.92 13.15
N GLU D 18 -41.12 1.14 12.44
CA GLU D 18 -41.89 0.02 12.99
C GLU D 18 -41.15 -1.26 12.64
N PRO D 19 -41.24 -2.31 13.47
CA PRO D 19 -40.60 -3.59 13.12
C PRO D 19 -41.20 -4.25 11.87
N SER D 20 -42.41 -3.86 11.54
CA SER D 20 -43.10 -4.40 10.38
C SER D 20 -42.82 -3.63 9.09
N ASP D 21 -42.08 -2.53 9.21
CA ASP D 21 -41.52 -1.81 8.06
C ASP D 21 -40.59 -2.74 7.24
N THR D 22 -40.80 -2.80 5.92
CA THR D 22 -39.83 -3.43 5.04
C THR D 22 -38.57 -2.60 4.93
N ILE D 23 -37.51 -3.27 4.51
CA ILE D 23 -36.24 -2.66 4.25
C ILE D 23 -36.39 -1.58 3.21
N GLU D 24 -37.30 -1.77 2.26
CA GLU D 24 -37.53 -0.77 1.23
C GLU D 24 -38.16 0.45 1.87
N ASN D 25 -39.00 0.25 2.89
CA ASN D 25 -39.54 1.41 3.61
C ASN D 25 -38.42 2.20 4.23
N VAL D 26 -37.47 1.50 4.82
CA VAL D 26 -36.36 2.14 5.48
C VAL D 26 -35.57 2.97 4.48
N LYS D 27 -35.41 2.45 3.28
CA LYS D 27 -34.66 3.19 2.27
C LYS D 27 -35.39 4.47 1.85
N ALA D 28 -36.69 4.34 1.56
CA ALA D 28 -37.55 5.51 1.36
C ALA D 28 -37.41 6.51 2.50
N LYS D 29 -37.33 6.06 3.75
CA LYS D 29 -37.08 7.01 4.86
C LYS D 29 -35.71 7.69 4.79
N ILE D 30 -34.74 7.03 4.17
CA ILE D 30 -33.42 7.59 3.98
C ILE D 30 -33.44 8.55 2.78
N GLN D 31 -34.16 8.16 1.75
CA GLN D 31 -34.35 9.08 0.68
C GLN D 31 -34.92 10.39 1.21
N ASP D 32 -35.94 10.33 2.08
CA ASP D 32 -36.61 11.57 2.55
C ASP D 32 -35.72 12.46 3.37
N LYS D 33 -35.05 11.90 4.37
CA LYS D 33 -34.11 12.66 5.18
C LYS D 33 -32.85 13.09 4.44
N GLU D 34 -32.20 12.17 3.72
CA GLU D 34 -30.86 12.42 3.17
C GLU D 34 -30.83 12.75 1.70
N GLY D 35 -31.93 12.54 0.99
CA GLY D 35 -31.98 12.76 -0.47
C GLY D 35 -31.29 11.68 -1.30
N ILE D 36 -31.02 10.54 -0.70
CA ILE D 36 -30.37 9.44 -1.42
C ILE D 36 -31.42 8.46 -1.93
N PRO D 37 -31.49 8.25 -3.24
CA PRO D 37 -32.48 7.30 -3.73
C PRO D 37 -32.20 5.83 -3.33
N PRO D 38 -33.24 5.02 -3.11
CA PRO D 38 -33.07 3.62 -2.68
C PRO D 38 -32.18 2.78 -3.61
N ASP D 39 -32.34 2.99 -4.90
CA ASP D 39 -31.32 2.74 -5.89
C ASP D 39 -29.85 2.74 -5.40
N GLN D 40 -29.45 3.75 -4.62
CA GLN D 40 -28.05 3.86 -4.26
C GLN D 40 -27.66 3.22 -2.93
N GLN D 41 -28.57 2.56 -2.25
CA GLN D 41 -28.27 2.08 -0.90
C GLN D 41 -28.23 0.54 -0.74
N ARG D 42 -27.14 0.04 -0.18
CA ARG D 42 -26.98 -1.37 0.22
C ARG D 42 -27.10 -1.21 1.78
N LEU D 43 -27.96 -2.01 2.43
CA LEU D 43 -28.04 -1.96 3.90
C LEU D 43 -27.60 -3.26 4.54
N ILE D 44 -27.03 -3.20 5.74
CA ILE D 44 -26.37 -4.35 6.34
C ILE D 44 -26.52 -4.38 7.87
N PHE D 45 -26.87 -5.53 8.40
CA PHE D 45 -26.98 -5.72 9.85
C PHE D 45 -26.37 -7.07 10.14
N ALA D 46 -25.53 -7.11 11.18
CA ALA D 46 -24.74 -8.29 11.57
C ALA D 46 -24.19 -9.00 10.34
N GLY D 47 -23.32 -8.32 9.60
CA GLY D 47 -22.73 -8.84 8.36
C GLY D 47 -23.67 -9.52 7.38
N LYS D 48 -24.97 -9.23 7.45
CA LYS D 48 -25.92 -9.75 6.49
C LYS D 48 -26.42 -8.59 5.64
N GLN D 49 -26.46 -8.75 4.31
CA GLN D 49 -27.12 -7.77 3.46
C GLN D 49 -28.61 -7.99 3.57
N LEU D 50 -29.39 -6.92 3.58
CA LEU D 50 -30.81 -6.99 3.88
C LEU D 50 -31.62 -6.89 2.61
N GLU D 51 -32.60 -7.77 2.45
CA GLU D 51 -33.39 -7.82 1.24
C GLU D 51 -34.55 -6.83 1.30
N ASP D 52 -34.78 -6.15 0.19
CA ASP D 52 -35.80 -5.11 0.12
C ASP D 52 -37.21 -5.48 0.65
N GLY D 53 -37.62 -6.73 0.41
CA GLY D 53 -38.96 -7.22 0.69
C GLY D 53 -39.19 -7.66 2.13
N ARG D 54 -38.12 -8.08 2.81
CA ARG D 54 -38.23 -8.57 4.19
C ARG D 54 -38.44 -7.38 5.13
N THR D 55 -38.90 -7.65 6.35
CA THR D 55 -39.13 -6.62 7.38
C THR D 55 -37.94 -6.52 8.32
N LEU D 56 -37.93 -5.51 9.19
CA LEU D 56 -36.88 -5.38 10.18
C LEU D 56 -36.96 -6.47 11.20
N SER D 57 -38.18 -6.94 11.50
CA SER D 57 -38.36 -8.03 12.51
C SER D 57 -37.86 -9.37 11.96
N ASP D 58 -37.90 -9.55 10.63
CA ASP D 58 -37.27 -10.71 9.98
C ASP D 58 -35.80 -10.90 10.33
N TYR D 59 -35.13 -9.83 10.76
CA TYR D 59 -33.70 -9.89 11.13
C TYR D 59 -33.42 -9.61 12.59
N ASN D 60 -34.47 -9.56 13.41
CA ASN D 60 -34.32 -9.30 14.83
C ASN D 60 -33.72 -7.92 15.16
N ILE D 61 -34.12 -6.91 14.40
CA ILE D 61 -33.65 -5.57 14.69
C ILE D 61 -34.44 -4.96 15.85
N GLN D 62 -33.87 -4.98 17.05
CA GLN D 62 -34.48 -4.35 18.23
C GLN D 62 -34.57 -2.80 18.18
N LYS D 63 -35.17 -2.20 19.20
CA LYS D 63 -34.99 -0.79 19.57
C LYS D 63 -33.47 -0.54 19.77
N GLU D 64 -32.94 0.56 19.24
CA GLU D 64 -31.49 0.93 19.38
C GLU D 64 -30.47 0.01 18.63
N SER D 65 -30.94 -0.74 17.66
CA SER D 65 -30.06 -1.54 16.84
C SER D 65 -29.38 -0.60 15.82
N THR D 66 -28.15 -0.95 15.46
CA THR D 66 -27.39 -0.14 14.49
C THR D 66 -27.24 -0.91 13.18
N LEU D 67 -27.87 -0.39 12.12
CA LEU D 67 -27.60 -0.79 10.74
C LEU D 67 -26.44 -0.03 10.12
N HIS D 68 -25.85 -0.60 9.08
CA HIS D 68 -24.78 0.06 8.34
C HIS D 68 -25.29 0.37 6.96
N LEU D 69 -24.97 1.55 6.48
CA LEU D 69 -25.34 1.94 5.13
C LEU D 69 -24.08 2.11 4.27
N VAL D 70 -24.07 1.46 3.12
CA VAL D 70 -23.03 1.59 2.11
C VAL D 70 -23.70 2.06 0.84
N LEU D 71 -23.15 3.06 0.16
CA LEU D 71 -23.80 3.58 -1.06
C LEU D 71 -23.11 3.03 -2.27
N ARG D 72 -23.88 2.72 -3.31
CA ARG D 72 -23.36 2.19 -4.58
C ARG D 72 -22.78 3.32 -5.42
N LEU D 73 -21.66 3.86 -4.97
CA LEU D 73 -21.07 5.04 -5.57
C LEU D 73 -19.60 4.76 -5.82
N ARG D 74 -19.07 5.35 -6.89
CA ARG D 74 -17.71 5.12 -7.31
C ARG D 74 -17.03 6.37 -7.90
N GLY D 75 -15.69 6.29 -8.04
CA GLY D 75 -14.85 7.36 -8.59
C GLY D 75 -13.62 6.76 -9.33
#